data_6A1E
#
_entry.id   6A1E
#
_cell.length_a   85.611
_cell.length_b   139.498
_cell.length_c   110.962
_cell.angle_alpha   90.000
_cell.angle_beta   90.000
_cell.angle_gamma   90.000
#
_symmetry.space_group_name_H-M   'C 2 2 21'
#
loop_
_entity.id
_entity.type
_entity.pdbx_description
1 polymer 'Sesquisabinene B synthase 1'
2 non-polymer 'SULFATE ION'
3 non-polymer 'CARBONATE ION'
4 non-polymer 'S-[(2E,6E)-3,7,11-TRIMETHYLDODECA-2,6,10-TRIENYL] TRIHYDROGEN THIODIPHOSPHATE'
5 non-polymer 2-AMINO-2-HYDROXYMETHYL-PROPANE-1,3-DIOL
6 non-polymer GLYCEROL
7 water water
#
_entity_poly.entity_id   1
_entity_poly.type   'polypeptide(L)'
_entity_poly.pdbx_seq_one_letter_code
;MDLCQIPPTSPISPSVPFNGDDSSVVRRSANYPANLWDYDFLQSLGRHSSVTEEHVGLAEKLKGEVKSLITGPMEPLAKL
EFIDSVRRLGLKYQFETEMKEALANISKDGYDSWWVDNLRATALRFRLLRENGIFVPQDVFERFQNKETGKFKNELCEDV
KGLLNLYEASFLGWEGEDILDEARTFSTAQLKNVEGKISSPNLAKIVHHALDLPLHWRAIRYEARWFIDIYEDEEDMNPT
LLKYAKLDFNIVQSFHQAEIGRLARWWVGTGLDKLPFARNGLIQSYMYAIGMLFEPHLGEVREMEAKVGALITTIDDVYD
VYGTMEELELFTDITERWDINRVDQLPRNIRMPLLTMFNTSNDIGYWALKERGFNGIPYTAKVWADQLKSYTKEAKWFHE
GHKPTLEEYLENALVSIGFPNLLVTSYLLTVDNPTKEKLDYVDSLPLFVRASCILCRIINDLGTSPDEMERGDNLKSIQC
YMNETGASQEVAREHIEGLVRMWWKRLNKCLFEPSPFTEPFLSFTINVVRGSHFFYQYGDGYGNAESWTKNQGMSVLIHP
ITLDEE
;
_entity_poly.pdbx_strand_id   A
#
loop_
_chem_comp.id
_chem_comp.type
_chem_comp.name
_chem_comp.formula
CO3 non-polymer 'CARBONATE ION' 'C O3 -2'
FPS non-polymer 'S-[(2E,6E)-3,7,11-TRIMETHYLDODECA-2,6,10-TRIENYL] TRIHYDROGEN THIODIPHOSPHATE' 'C15 H28 O6 P2 S'
GOL non-polymer GLYCEROL 'C3 H8 O3'
SO4 non-polymer 'SULFATE ION' 'O4 S -2'
TRS non-polymer 2-AMINO-2-HYDROXYMETHYL-PROPANE-1,3-DIOL 'C4 H12 N O3 1'
#
# COMPACT_ATOMS: atom_id res chain seq x y z
N LEU A 36 -9.74 -18.84 -7.74
CA LEU A 36 -9.47 -17.86 -6.65
C LEU A 36 -10.80 -17.41 -5.99
N TRP A 37 -11.95 -17.59 -6.65
CA TRP A 37 -13.28 -17.08 -6.19
C TRP A 37 -14.11 -18.22 -5.58
N ASP A 38 -13.53 -19.42 -5.41
CA ASP A 38 -14.22 -20.68 -4.99
C ASP A 38 -13.90 -20.99 -3.53
N TYR A 39 -14.86 -20.83 -2.60
CA TYR A 39 -14.58 -20.93 -1.13
C TYR A 39 -14.27 -22.37 -0.72
N ASP A 40 -14.78 -23.37 -1.45
CA ASP A 40 -14.38 -24.78 -1.28
C ASP A 40 -12.86 -24.87 -1.41
N PHE A 41 -12.32 -24.30 -2.49
CA PHE A 41 -10.87 -24.36 -2.81
C PHE A 41 -10.08 -23.56 -1.77
N LEU A 42 -10.55 -22.34 -1.46
CA LEU A 42 -9.91 -21.44 -0.47
C LEU A 42 -9.94 -22.09 0.92
N GLN A 43 -11.09 -22.64 1.35
CA GLN A 43 -11.30 -23.20 2.72
C GLN A 43 -10.35 -24.39 2.95
N SER A 44 -9.75 -24.96 1.89
CA SER A 44 -8.84 -26.13 1.93
C SER A 44 -7.39 -25.68 1.84
N LEU A 45 -7.17 -24.41 1.48
CA LEU A 45 -5.82 -23.80 1.46
C LEU A 45 -5.32 -23.74 2.90
N GLY A 46 -4.06 -24.11 3.13
CA GLY A 46 -3.48 -24.19 4.48
C GLY A 46 -3.43 -25.62 4.98
N ARG A 47 -4.39 -26.46 4.58
CA ARG A 47 -4.42 -27.91 4.91
C ARG A 47 -2.99 -28.46 4.85
N HIS A 48 -2.38 -28.45 3.67
CA HIS A 48 -0.95 -28.82 3.48
C HIS A 48 -0.18 -27.65 2.86
N SER A 49 1.14 -27.79 2.80
CA SER A 49 2.09 -26.90 2.08
C SER A 49 3.30 -27.73 1.63
N SER A 50 3.83 -27.44 0.44
CA SER A 50 5.07 -28.07 -0.10
C SER A 50 6.32 -27.29 0.38
N VAL A 51 6.17 -26.50 1.46
CA VAL A 51 7.29 -25.85 2.20
C VAL A 51 7.69 -26.75 3.38
N THR A 52 8.90 -27.32 3.33
CA THR A 52 9.44 -28.33 4.28
C THR A 52 10.28 -27.64 5.36
N GLU A 53 10.79 -28.42 6.33
CA GLU A 53 11.77 -27.96 7.35
C GLU A 53 13.16 -27.86 6.70
N GLU A 54 13.35 -28.54 5.56
CA GLU A 54 14.60 -28.49 4.75
C GLU A 54 14.67 -27.11 4.08
N HIS A 55 13.60 -26.71 3.39
CA HIS A 55 13.39 -25.35 2.82
C HIS A 55 13.67 -24.28 3.88
N VAL A 56 13.26 -24.49 5.13
CA VAL A 56 13.36 -23.45 6.21
C VAL A 56 14.82 -23.34 6.68
N GLY A 57 15.51 -24.46 6.88
CA GLY A 57 16.95 -24.48 7.21
C GLY A 57 17.79 -23.82 6.12
N LEU A 58 17.54 -24.19 4.87
CA LEU A 58 18.18 -23.61 3.67
C LEU A 58 17.99 -22.09 3.69
N ALA A 59 16.78 -21.65 4.06
CA ALA A 59 16.40 -20.23 4.10
C ALA A 59 17.24 -19.51 5.16
N GLU A 60 17.42 -20.11 6.34
CA GLU A 60 18.27 -19.58 7.44
C GLU A 60 19.70 -19.39 6.95
N LYS A 61 20.24 -20.34 6.19
CA LYS A 61 21.64 -20.33 5.64
C LYS A 61 21.78 -19.23 4.58
N LEU A 62 20.89 -19.20 3.59
CA LEU A 62 20.90 -18.13 2.54
C LEU A 62 20.73 -16.74 3.18
N LYS A 63 19.84 -16.58 4.15
CA LYS A 63 19.66 -15.27 4.83
C LYS A 63 21.01 -14.77 5.38
N GLY A 64 21.78 -15.65 6.03
CA GLY A 64 23.10 -15.29 6.60
C GLY A 64 24.07 -14.78 5.53
N GLU A 65 24.07 -15.39 4.34
CA GLU A 65 24.99 -14.94 3.26
C GLU A 65 24.49 -13.59 2.71
N VAL A 66 23.19 -13.42 2.53
CA VAL A 66 22.67 -12.14 1.97
C VAL A 66 23.03 -11.04 2.96
N LYS A 67 22.80 -11.30 4.25
CA LYS A 67 23.09 -10.33 5.34
C LYS A 67 24.58 -9.97 5.26
N SER A 68 25.42 -10.97 5.03
CA SER A 68 26.88 -10.73 4.89
C SER A 68 27.14 -9.90 3.64
N LEU A 69 26.44 -10.17 2.53
CA LEU A 69 26.66 -9.43 1.26
C LEU A 69 26.32 -7.95 1.46
N ILE A 70 25.24 -7.67 2.23
CA ILE A 70 24.78 -6.28 2.47
C ILE A 70 25.80 -5.54 3.36
N THR A 71 26.32 -6.21 4.41
CA THR A 71 27.26 -5.58 5.39
C THR A 71 28.68 -5.58 4.82
N GLY A 72 29.01 -6.57 4.00
CA GLY A 72 30.40 -6.86 3.58
C GLY A 72 30.91 -5.91 2.50
N PRO A 73 32.18 -6.04 2.09
CA PRO A 73 32.74 -5.16 1.08
C PRO A 73 32.07 -5.28 -0.29
N MET A 74 32.03 -4.13 -0.97
CA MET A 74 31.48 -3.94 -2.33
C MET A 74 31.81 -2.49 -2.73
N GLU A 75 31.92 -2.19 -4.02
CA GLU A 75 31.95 -0.80 -4.53
C GLU A 75 30.60 -0.15 -4.26
N PRO A 76 30.57 1.17 -3.92
CA PRO A 76 29.37 1.80 -3.39
C PRO A 76 28.18 1.80 -4.35
N LEU A 77 28.38 2.01 -5.66
CA LEU A 77 27.28 1.97 -6.64
C LEU A 77 26.69 0.56 -6.68
N ALA A 78 27.56 -0.45 -6.65
CA ALA A 78 27.17 -1.87 -6.70
C ALA A 78 26.40 -2.19 -5.42
N LYS A 79 26.82 -1.63 -4.29
CA LYS A 79 26.15 -1.88 -2.98
C LYS A 79 24.75 -1.25 -3.01
N LEU A 80 24.60 -0.06 -3.61
CA LEU A 80 23.29 0.63 -3.70
C LEU A 80 22.37 -0.22 -4.57
N GLU A 81 22.88 -0.71 -5.69
CA GLU A 81 22.09 -1.55 -6.64
C GLU A 81 21.68 -2.86 -5.97
N PHE A 82 22.56 -3.44 -5.14
CA PHE A 82 22.29 -4.69 -4.41
C PHE A 82 21.18 -4.45 -3.38
N ILE A 83 21.28 -3.37 -2.62
CA ILE A 83 20.28 -3.01 -1.56
C ILE A 83 18.95 -2.70 -2.25
N ASP A 84 18.97 -2.01 -3.38
CA ASP A 84 17.72 -1.75 -4.14
C ASP A 84 17.09 -3.07 -4.58
N SER A 85 17.89 -4.02 -5.09
CA SER A 85 17.41 -5.36 -5.52
C SER A 85 16.79 -6.09 -4.32
N VAL A 86 17.44 -6.07 -3.16
CA VAL A 86 16.93 -6.71 -1.91
C VAL A 86 15.52 -6.15 -1.63
N ARG A 87 15.39 -4.84 -1.63
CA ARG A 87 14.08 -4.16 -1.40
C ARG A 87 13.06 -4.63 -2.45
N ARG A 88 13.45 -4.62 -3.71
CA ARG A 88 12.48 -4.87 -4.81
C ARG A 88 12.04 -6.33 -4.85
N LEU A 89 12.87 -7.24 -4.34
CA LEU A 89 12.56 -8.68 -4.18
C LEU A 89 11.68 -8.93 -2.97
N GLY A 90 11.33 -7.85 -2.24
CA GLY A 90 10.38 -7.93 -1.13
C GLY A 90 11.04 -8.27 0.18
N LEU A 91 12.34 -8.01 0.34
CA LEU A 91 13.12 -8.62 1.45
C LEU A 91 13.60 -7.56 2.43
N LYS A 92 13.20 -6.32 2.27
CA LYS A 92 13.61 -5.26 3.23
C LYS A 92 13.28 -5.73 4.65
N TYR A 93 12.13 -6.41 4.84
CA TYR A 93 11.65 -6.80 6.19
C TYR A 93 12.67 -7.75 6.86
N GLN A 94 13.51 -8.45 6.10
CA GLN A 94 14.49 -9.43 6.65
C GLN A 94 15.81 -8.72 7.00
N PHE A 95 16.15 -7.59 6.40
CA PHE A 95 17.52 -7.01 6.44
C PHE A 95 17.50 -5.52 6.77
N GLU A 96 16.47 -5.01 7.45
CA GLU A 96 16.28 -3.55 7.52
C GLU A 96 17.51 -2.92 8.22
N THR A 97 18.01 -3.54 9.29
CA THR A 97 19.15 -3.02 10.10
C THR A 97 20.43 -3.01 9.25
N GLU A 98 20.73 -4.11 8.56
CA GLU A 98 21.94 -4.19 7.71
C GLU A 98 21.86 -3.13 6.60
N MET A 99 20.70 -2.94 5.99
CA MET A 99 20.54 -2.01 4.86
C MET A 99 20.75 -0.59 5.38
N LYS A 100 20.21 -0.27 6.56
CA LYS A 100 20.30 1.10 7.12
C LYS A 100 21.78 1.37 7.47
N GLU A 101 22.42 0.42 8.15
CA GLU A 101 23.87 0.46 8.53
C GLU A 101 24.70 0.65 7.27
N ALA A 102 24.47 -0.15 6.22
CA ALA A 102 25.25 -0.04 4.96
C ALA A 102 25.03 1.33 4.33
N LEU A 103 23.80 1.85 4.33
CA LEU A 103 23.51 3.15 3.68
C LEU A 103 24.12 4.27 4.53
N ALA A 104 24.02 4.18 5.85
CA ALA A 104 24.62 5.16 6.80
C ALA A 104 26.12 5.25 6.52
N ASN A 105 26.79 4.10 6.43
CA ASN A 105 28.24 4.00 6.07
C ASN A 105 28.48 4.81 4.80
N ILE A 106 27.83 4.43 3.71
CA ILE A 106 27.93 5.10 2.38
C ILE A 106 27.63 6.61 2.52
N SER A 107 26.61 6.99 3.27
CA SER A 107 26.21 8.42 3.33
C SER A 107 27.31 9.26 3.98
N LYS A 108 27.92 8.72 5.03
CA LYS A 108 29.00 9.43 5.76
C LYS A 108 30.31 9.01 5.10
N ASP A 109 30.54 9.43 3.87
CA ASP A 109 31.73 8.92 3.14
C ASP A 109 32.77 10.03 3.00
N GLY A 110 32.40 11.14 2.38
CA GLY A 110 33.40 12.19 2.11
C GLY A 110 33.89 11.98 0.70
N TYR A 111 34.13 10.72 0.32
CA TYR A 111 34.51 10.43 -1.09
C TYR A 111 33.19 10.38 -1.88
N ASP A 112 33.07 11.29 -2.85
CA ASP A 112 31.80 11.39 -3.61
C ASP A 112 32.07 11.21 -5.10
N SER A 113 33.30 10.92 -5.49
CA SER A 113 33.67 10.84 -6.92
C SER A 113 32.87 9.73 -7.61
N TRP A 114 32.50 8.71 -6.84
CA TRP A 114 31.75 7.56 -7.40
C TRP A 114 30.34 7.96 -7.87
N TRP A 115 29.81 9.08 -7.40
CA TRP A 115 28.42 9.45 -7.76
C TRP A 115 28.36 10.84 -8.40
N VAL A 116 29.19 11.77 -7.94
CA VAL A 116 29.12 13.17 -8.45
C VAL A 116 29.31 13.16 -9.97
N ASP A 117 28.48 13.92 -10.70
CA ASP A 117 28.52 14.01 -12.18
C ASP A 117 27.99 12.75 -12.86
N ASN A 118 27.50 11.75 -12.10
CA ASN A 118 26.90 10.53 -12.69
C ASN A 118 25.41 10.53 -12.34
N LEU A 119 24.52 10.76 -13.32
CA LEU A 119 23.06 10.93 -13.07
C LEU A 119 22.53 9.67 -12.41
N ARG A 120 22.85 8.50 -12.98
CA ARG A 120 22.34 7.20 -12.50
C ARG A 120 22.76 7.00 -11.04
N ALA A 121 24.03 7.23 -10.72
CA ALA A 121 24.56 7.05 -9.35
C ALA A 121 23.96 8.11 -8.42
N THR A 122 23.82 9.33 -8.91
CA THR A 122 23.36 10.45 -8.07
C THR A 122 21.92 10.17 -7.63
N ALA A 123 21.09 9.82 -8.61
CA ALA A 123 19.64 9.56 -8.46
C ALA A 123 19.40 8.32 -7.61
N LEU A 124 20.16 7.24 -7.79
CA LEU A 124 19.97 6.03 -6.97
C LEU A 124 20.36 6.35 -5.51
N ARG A 125 21.46 7.05 -5.30
CA ARG A 125 21.94 7.39 -3.94
C ARG A 125 20.87 8.24 -3.23
N PHE A 126 20.41 9.28 -3.90
CA PHE A 126 19.40 10.22 -3.43
C PHE A 126 18.17 9.43 -2.99
N ARG A 127 17.67 8.56 -3.86
CA ARG A 127 16.47 7.74 -3.53
C ARG A 127 16.77 6.87 -2.32
N LEU A 128 17.78 6.02 -2.35
CA LEU A 128 17.94 4.98 -1.29
C LEU A 128 18.20 5.66 0.06
N LEU A 129 18.94 6.76 0.05
CA LEU A 129 19.19 7.48 1.33
C LEU A 129 17.86 8.04 1.86
N ARG A 130 17.08 8.77 1.05
CA ARG A 130 15.78 9.34 1.52
C ARG A 130 14.81 8.24 1.99
N GLU A 131 14.73 7.14 1.26
CA GLU A 131 13.88 5.99 1.67
C GLU A 131 14.28 5.48 3.06
N ASN A 132 15.55 5.65 3.45
CA ASN A 132 16.11 5.01 4.67
C ASN A 132 16.39 6.10 5.71
N GLY A 133 15.73 7.25 5.56
CA GLY A 133 15.71 8.31 6.58
C GLY A 133 16.99 9.13 6.62
N ILE A 134 17.81 9.10 5.56
CA ILE A 134 19.03 9.95 5.45
C ILE A 134 18.73 11.03 4.42
N PHE A 135 18.77 12.29 4.83
CA PHE A 135 18.35 13.40 3.96
C PHE A 135 19.43 13.68 2.93
N VAL A 136 19.01 13.81 1.68
CA VAL A 136 19.85 14.33 0.57
C VAL A 136 19.07 15.49 -0.04
N PRO A 137 19.73 16.65 -0.20
CA PRO A 137 19.07 17.81 -0.78
C PRO A 137 18.80 17.62 -2.27
N GLN A 138 17.76 18.25 -2.77
CA GLN A 138 17.43 18.23 -4.21
C GLN A 138 18.58 18.81 -5.03
N ASP A 139 19.42 19.69 -4.46
CA ASP A 139 20.44 20.43 -5.25
C ASP A 139 21.50 19.47 -5.82
N VAL A 140 21.59 18.22 -5.36
CA VAL A 140 22.46 17.20 -6.01
C VAL A 140 22.14 17.09 -7.51
N PHE A 141 20.98 17.56 -7.98
CA PHE A 141 20.57 17.43 -9.41
C PHE A 141 20.81 18.73 -10.18
N GLU A 142 21.18 19.82 -9.50
CA GLU A 142 21.36 21.15 -10.18
C GLU A 142 22.41 21.09 -11.30
N ARG A 143 23.45 20.29 -11.14
CA ARG A 143 24.53 20.23 -12.14
C ARG A 143 24.00 19.58 -13.43
N PHE A 144 22.86 18.88 -13.38
CA PHE A 144 22.28 18.21 -14.58
C PHE A 144 21.31 19.15 -15.29
N GLN A 145 21.13 20.35 -14.75
CA GLN A 145 20.18 21.35 -15.30
C GLN A 145 20.96 22.39 -16.13
N ASN A 146 20.28 23.03 -17.08
CA ASN A 146 20.73 24.28 -17.75
C ASN A 146 20.59 25.43 -16.75
N LYS A 147 21.70 26.09 -16.41
CA LYS A 147 21.74 27.10 -15.32
C LYS A 147 20.85 28.30 -15.69
N GLU A 148 20.52 28.50 -16.97
CA GLU A 148 19.64 29.61 -17.42
C GLU A 148 18.17 29.25 -17.14
N THR A 149 17.66 28.21 -17.80
CA THR A 149 16.21 27.93 -17.97
C THR A 149 15.69 27.08 -16.80
N GLY A 150 16.57 26.38 -16.09
CA GLY A 150 16.18 25.43 -15.03
C GLY A 150 15.74 24.09 -15.60
N LYS A 151 15.79 23.94 -16.93
CA LYS A 151 15.43 22.68 -17.64
C LYS A 151 16.61 21.71 -17.57
N PHE A 152 16.34 20.40 -17.49
CA PHE A 152 17.37 19.35 -17.50
C PHE A 152 18.04 19.35 -18.88
N LYS A 153 19.32 18.99 -18.92
CA LYS A 153 20.18 19.03 -20.13
C LYS A 153 19.71 17.98 -21.15
N ASN A 154 19.66 18.39 -22.42
CA ASN A 154 19.32 17.54 -23.59
C ASN A 154 20.21 16.29 -23.62
N GLU A 155 21.46 16.38 -23.15
CA GLU A 155 22.48 15.29 -23.25
C GLU A 155 22.09 14.10 -22.36
N LEU A 156 21.10 14.27 -21.47
CA LEU A 156 20.63 13.18 -20.57
C LEU A 156 19.62 12.31 -21.31
N CYS A 157 19.01 12.85 -22.37
CA CYS A 157 17.84 12.28 -23.10
C CYS A 157 18.18 10.90 -23.67
N GLU A 158 19.45 10.50 -23.66
CA GLU A 158 19.96 9.22 -24.23
C GLU A 158 20.32 8.24 -23.10
N ASP A 159 20.54 8.74 -21.89
CA ASP A 159 20.98 7.93 -20.72
C ASP A 159 19.76 7.23 -20.10
N VAL A 160 19.42 6.02 -20.55
CA VAL A 160 18.14 5.38 -20.14
C VAL A 160 18.19 5.07 -18.63
N LYS A 161 19.25 4.43 -18.15
CA LYS A 161 19.35 4.04 -16.72
C LYS A 161 19.42 5.29 -15.83
N GLY A 162 19.98 6.40 -16.32
CA GLY A 162 20.04 7.69 -15.60
C GLY A 162 18.65 8.32 -15.48
N LEU A 163 17.94 8.40 -16.59
CA LEU A 163 16.56 8.90 -16.67
C LEU A 163 15.67 8.08 -15.73
N LEU A 164 15.81 6.75 -15.76
CA LEU A 164 14.98 5.81 -14.97
C LEU A 164 15.21 6.08 -13.47
N ASN A 165 16.46 6.20 -13.04
CA ASN A 165 16.83 6.44 -11.63
C ASN A 165 16.34 7.84 -11.22
N LEU A 166 16.42 8.83 -12.10
CA LEU A 166 15.96 10.21 -11.82
C LEU A 166 14.44 10.22 -11.67
N TYR A 167 13.75 9.54 -12.59
CA TYR A 167 12.27 9.34 -12.50
C TYR A 167 11.89 8.74 -11.14
N GLU A 168 12.48 7.60 -10.78
CA GLU A 168 12.14 6.87 -9.54
C GLU A 168 12.48 7.79 -8.33
N ALA A 169 13.62 8.48 -8.38
CA ALA A 169 14.10 9.42 -7.33
C ALA A 169 13.07 10.53 -7.09
N SER A 170 12.50 11.06 -8.15
CA SER A 170 11.64 12.27 -8.12
C SER A 170 10.47 12.04 -7.15
N PHE A 171 10.01 10.80 -7.01
CA PHE A 171 8.82 10.52 -6.17
C PHE A 171 9.17 10.54 -4.68
N LEU A 172 10.44 10.68 -4.31
CA LEU A 172 10.85 10.88 -2.89
C LEU A 172 10.88 12.37 -2.55
N GLY A 173 10.38 13.25 -3.42
CA GLY A 173 10.44 14.70 -3.22
C GLY A 173 9.36 15.20 -2.25
N TRP A 174 9.57 16.41 -1.74
CA TRP A 174 8.68 17.13 -0.78
C TRP A 174 8.07 18.33 -1.49
N GLU A 175 7.13 18.99 -0.83
CA GLU A 175 6.55 20.23 -1.38
C GLU A 175 7.64 21.29 -1.43
N GLY A 176 7.68 22.05 -2.53
CA GLY A 176 8.60 23.16 -2.80
C GLY A 176 9.94 22.69 -3.30
N GLU A 177 10.14 21.38 -3.50
CA GLU A 177 11.41 20.88 -4.08
C GLU A 177 11.26 20.91 -5.61
N ASP A 178 11.37 22.12 -6.17
CA ASP A 178 11.03 22.46 -7.59
C ASP A 178 11.91 21.65 -8.58
N ILE A 179 13.15 21.34 -8.20
CA ILE A 179 14.08 20.57 -9.06
C ILE A 179 13.52 19.16 -9.22
N LEU A 180 12.93 18.60 -8.17
CA LEU A 180 12.37 17.23 -8.22
C LEU A 180 11.06 17.22 -9.00
N ASP A 181 10.25 18.28 -8.93
CA ASP A 181 9.02 18.44 -9.75
C ASP A 181 9.42 18.49 -11.24
N GLU A 182 10.47 19.23 -11.56
CA GLU A 182 10.99 19.31 -12.95
C GLU A 182 11.55 17.94 -13.35
N ALA A 183 12.33 17.30 -12.49
CA ALA A 183 12.90 15.96 -12.71
C ALA A 183 11.78 14.98 -13.10
N ARG A 184 10.67 14.97 -12.38
CA ARG A 184 9.53 14.09 -12.72
C ARG A 184 9.06 14.37 -14.16
N THR A 185 8.77 15.62 -14.49
CA THR A 185 8.11 15.95 -15.77
C THR A 185 9.10 15.68 -16.90
N PHE A 186 10.36 16.06 -16.71
CA PHE A 186 11.46 15.81 -17.67
C PHE A 186 11.64 14.29 -17.89
N SER A 187 11.90 13.51 -16.82
CA SER A 187 12.24 12.07 -16.92
C SER A 187 11.04 11.27 -17.45
N THR A 188 9.81 11.65 -17.09
CA THR A 188 8.58 11.00 -17.63
C THR A 188 8.57 11.18 -19.16
N ALA A 189 8.69 12.43 -19.63
CA ALA A 189 8.64 12.77 -21.07
C ALA A 189 9.77 12.03 -21.81
N GLN A 190 10.99 12.02 -21.25
CA GLN A 190 12.17 11.37 -21.90
C GLN A 190 11.97 9.85 -21.92
N LEU A 191 11.53 9.26 -20.82
CA LEU A 191 11.36 7.79 -20.76
C LEU A 191 10.28 7.37 -21.76
N LYS A 192 9.18 8.13 -21.86
CA LYS A 192 8.13 7.83 -22.86
C LYS A 192 8.77 7.87 -24.26
N ASN A 193 9.65 8.85 -24.49
CA ASN A 193 10.36 9.07 -25.78
C ASN A 193 11.24 7.87 -26.11
N VAL A 194 12.05 7.40 -25.16
CA VAL A 194 13.12 6.41 -25.44
C VAL A 194 12.64 4.98 -25.22
N GLU A 195 11.49 4.77 -24.57
CA GLU A 195 11.05 3.41 -24.19
C GLU A 195 11.23 2.48 -25.41
N GLY A 196 10.71 2.90 -26.56
CA GLY A 196 10.69 2.08 -27.80
C GLY A 196 12.04 2.02 -28.51
N LYS A 197 13.06 2.71 -27.99
CA LYS A 197 14.45 2.74 -28.56
C LYS A 197 15.38 1.83 -27.76
N ILE A 198 14.89 1.19 -26.70
CA ILE A 198 15.80 0.42 -25.82
C ILE A 198 16.05 -0.93 -26.47
N SER A 199 17.30 -1.42 -26.46
CA SER A 199 17.72 -2.71 -27.05
C SER A 199 17.53 -3.86 -26.07
N SER A 200 17.86 -3.67 -24.79
CA SER A 200 17.75 -4.73 -23.75
C SER A 200 16.28 -4.99 -23.48
N PRO A 201 15.73 -6.17 -23.79
CA PRO A 201 14.33 -6.46 -23.49
C PRO A 201 14.01 -6.22 -22.01
N ASN A 202 14.91 -6.63 -21.11
CA ASN A 202 14.70 -6.56 -19.64
C ASN A 202 14.56 -5.11 -19.23
N LEU A 203 15.49 -4.26 -19.68
CA LEU A 203 15.48 -2.81 -19.44
C LEU A 203 14.19 -2.22 -19.99
N ALA A 204 13.75 -2.61 -21.18
CA ALA A 204 12.52 -2.04 -21.77
C ALA A 204 11.31 -2.37 -20.88
N LYS A 205 11.22 -3.61 -20.39
CA LYS A 205 10.11 -4.06 -19.50
C LYS A 205 10.12 -3.23 -18.21
N ILE A 206 11.30 -3.00 -17.65
CA ILE A 206 11.49 -2.19 -16.41
C ILE A 206 11.00 -0.77 -16.65
N VAL A 207 11.35 -0.15 -17.78
CA VAL A 207 10.94 1.24 -18.10
C VAL A 207 9.43 1.26 -18.30
N HIS A 208 8.87 0.30 -19.01
CA HIS A 208 7.39 0.26 -19.22
C HIS A 208 6.70 0.17 -17.84
N HIS A 209 7.20 -0.69 -16.98
CA HIS A 209 6.65 -0.91 -15.61
C HIS A 209 6.67 0.43 -14.84
N ALA A 210 7.78 1.15 -14.94
CA ALA A 210 8.01 2.41 -14.18
C ALA A 210 7.04 3.47 -14.66
N LEU A 211 6.83 3.56 -15.97
CA LEU A 211 5.89 4.55 -16.53
C LEU A 211 4.47 4.22 -16.09
N ASP A 212 4.14 2.96 -15.85
CA ASP A 212 2.79 2.59 -15.36
C ASP A 212 2.66 3.08 -13.89
N LEU A 213 3.63 2.76 -13.06
CA LEU A 213 3.67 3.22 -11.65
C LEU A 213 5.12 3.28 -11.20
N PRO A 214 5.58 4.37 -10.56
CA PRO A 214 6.91 4.40 -9.98
C PRO A 214 7.00 3.39 -8.83
N LEU A 215 8.21 2.89 -8.61
CA LEU A 215 8.48 1.91 -7.54
C LEU A 215 7.95 2.45 -6.21
N HIS A 216 8.11 3.74 -5.92
CA HIS A 216 7.66 4.32 -4.64
C HIS A 216 6.15 4.08 -4.42
N TRP A 217 5.37 3.97 -5.49
CA TRP A 217 3.90 3.84 -5.42
C TRP A 217 3.44 2.39 -5.52
N ARG A 218 4.34 1.42 -5.66
CA ARG A 218 3.96 0.01 -5.91
C ARG A 218 3.84 -0.79 -4.60
N ALA A 219 2.86 -1.67 -4.53
CA ALA A 219 2.68 -2.58 -3.38
C ALA A 219 3.85 -3.56 -3.34
N ILE A 220 4.45 -3.70 -2.17
CA ILE A 220 5.72 -4.43 -1.98
C ILE A 220 5.56 -5.89 -2.41
N ARG A 221 4.55 -6.59 -1.90
CA ARG A 221 4.44 -8.06 -2.11
C ARG A 221 4.23 -8.36 -3.60
N TYR A 222 3.36 -7.60 -4.26
CA TYR A 222 3.03 -7.78 -5.68
C TYR A 222 4.27 -7.46 -6.53
N GLU A 223 4.97 -6.41 -6.19
CA GLU A 223 6.18 -5.99 -6.94
C GLU A 223 7.24 -7.07 -6.79
N ALA A 224 7.35 -7.68 -5.60
CA ALA A 224 8.36 -8.73 -5.32
C ALA A 224 8.12 -9.90 -6.28
N ARG A 225 6.86 -10.29 -6.48
CA ARG A 225 6.60 -11.45 -7.36
C ARG A 225 7.01 -11.11 -8.80
N TRP A 226 6.69 -9.90 -9.25
CA TRP A 226 7.03 -9.41 -10.61
C TRP A 226 8.57 -9.36 -10.74
N PHE A 227 9.22 -8.80 -9.74
CA PHE A 227 10.65 -8.47 -9.86
C PHE A 227 11.51 -9.74 -9.72
N ILE A 228 11.03 -10.77 -9.05
CA ILE A 228 11.79 -12.06 -8.98
C ILE A 228 12.10 -12.53 -10.42
N ASP A 229 11.14 -12.45 -11.33
CA ASP A 229 11.32 -13.01 -12.69
C ASP A 229 12.23 -12.06 -13.47
N ILE A 230 12.06 -10.74 -13.31
CA ILE A 230 12.91 -9.72 -13.97
C ILE A 230 14.35 -9.91 -13.50
N TYR A 231 14.56 -9.98 -12.18
CA TYR A 231 15.90 -9.99 -11.55
C TYR A 231 16.69 -11.16 -12.12
N GLU A 232 16.02 -12.30 -12.21
CA GLU A 232 16.62 -13.54 -12.68
C GLU A 232 17.21 -13.33 -14.09
N ASP A 233 16.65 -12.44 -14.89
CA ASP A 233 17.12 -12.12 -16.26
C ASP A 233 18.11 -10.95 -16.28
N GLU A 234 18.43 -10.31 -15.15
CA GLU A 234 19.39 -9.18 -15.10
C GLU A 234 20.80 -9.75 -15.20
N GLU A 235 21.72 -9.05 -15.84
CA GLU A 235 23.11 -9.53 -16.06
C GLU A 235 23.91 -9.40 -14.76
N ASP A 236 23.66 -8.34 -13.99
CA ASP A 236 24.26 -8.07 -12.65
C ASP A 236 23.75 -9.08 -11.59
N MET A 237 22.84 -9.99 -11.95
CA MET A 237 22.01 -10.80 -11.00
C MET A 237 22.91 -11.61 -10.05
N ASN A 238 22.61 -11.62 -8.76
CA ASN A 238 23.32 -12.43 -7.74
C ASN A 238 22.49 -13.68 -7.46
N PRO A 239 22.98 -14.89 -7.82
CA PRO A 239 22.17 -16.11 -7.69
C PRO A 239 21.82 -16.47 -6.25
N THR A 240 22.68 -16.15 -5.29
CA THR A 240 22.40 -16.39 -3.85
C THR A 240 21.16 -15.56 -3.48
N LEU A 241 21.16 -14.28 -3.84
CA LEU A 241 20.04 -13.38 -3.52
C LEU A 241 18.79 -13.88 -4.27
N LEU A 242 18.90 -14.24 -5.55
CA LEU A 242 17.74 -14.74 -6.30
C LEU A 242 17.15 -15.96 -5.59
N LYS A 243 17.99 -16.91 -5.18
CA LYS A 243 17.54 -18.17 -4.58
C LYS A 243 16.85 -17.90 -3.25
N TYR A 244 17.41 -16.97 -2.46
CA TYR A 244 16.83 -16.60 -1.16
C TYR A 244 15.47 -15.96 -1.43
N ALA A 245 15.38 -15.11 -2.43
CA ALA A 245 14.14 -14.37 -2.77
C ALA A 245 13.05 -15.37 -3.11
N LYS A 246 13.36 -16.40 -3.90
CA LYS A 246 12.36 -17.44 -4.30
C LYS A 246 11.91 -18.24 -3.08
N LEU A 247 12.86 -18.63 -2.23
CA LEU A 247 12.59 -19.51 -1.07
C LEU A 247 11.78 -18.71 -0.03
N ASP A 248 12.23 -17.52 0.30
CA ASP A 248 11.50 -16.65 1.24
C ASP A 248 10.10 -16.41 0.66
N PHE A 249 9.98 -16.20 -0.64
CA PHE A 249 8.67 -15.91 -1.25
C PHE A 249 7.73 -17.08 -0.93
N ASN A 250 8.20 -18.30 -1.18
CA ASN A 250 7.40 -19.53 -1.01
C ASN A 250 7.05 -19.70 0.47
N ILE A 251 7.99 -19.46 1.39
CA ILE A 251 7.75 -19.64 2.84
C ILE A 251 6.66 -18.64 3.25
N VAL A 252 6.82 -17.37 2.85
CA VAL A 252 5.83 -16.32 3.24
C VAL A 252 4.46 -16.74 2.68
N GLN A 253 4.44 -17.20 1.45
CA GLN A 253 3.20 -17.55 0.73
C GLN A 253 2.48 -18.69 1.45
N SER A 254 3.21 -19.61 2.10
CA SER A 254 2.55 -20.70 2.87
C SER A 254 1.78 -20.12 4.06
N PHE A 255 2.28 -19.05 4.68
CA PHE A 255 1.54 -18.36 5.77
C PHE A 255 0.25 -17.76 5.21
N HIS A 256 0.34 -17.07 4.06
CA HIS A 256 -0.82 -16.42 3.40
C HIS A 256 -1.88 -17.49 3.11
N GLN A 257 -1.47 -18.66 2.64
CA GLN A 257 -2.42 -19.74 2.26
C GLN A 257 -3.17 -20.24 3.51
N ALA A 258 -2.51 -20.40 4.65
CA ALA A 258 -3.14 -20.78 5.94
C ALA A 258 -4.13 -19.69 6.37
N GLU A 259 -3.77 -18.42 6.23
CA GLU A 259 -4.63 -17.26 6.57
C GLU A 259 -5.89 -17.28 5.72
N ILE A 260 -5.70 -17.48 4.42
CA ILE A 260 -6.81 -17.47 3.44
C ILE A 260 -7.76 -18.59 3.82
N GLY A 261 -7.23 -19.76 4.18
CA GLY A 261 -8.06 -20.89 4.67
C GLY A 261 -8.95 -20.46 5.82
N ARG A 262 -8.35 -19.91 6.86
CA ARG A 262 -9.05 -19.51 8.09
C ARG A 262 -10.08 -18.43 7.74
N LEU A 263 -9.72 -17.46 6.89
CA LEU A 263 -10.63 -16.35 6.53
C LEU A 263 -11.81 -16.88 5.71
N ALA A 264 -11.56 -17.77 4.76
CA ALA A 264 -12.63 -18.34 3.90
C ALA A 264 -13.61 -19.10 4.80
N ARG A 265 -13.10 -19.84 5.78
CA ARG A 265 -13.95 -20.63 6.71
C ARG A 265 -14.75 -19.69 7.59
N TRP A 266 -14.10 -18.65 8.10
CA TRP A 266 -14.81 -17.57 8.84
C TRP A 266 -15.94 -17.01 7.95
N TRP A 267 -15.63 -16.65 6.71
CA TRP A 267 -16.57 -15.92 5.81
C TRP A 267 -17.79 -16.81 5.53
N VAL A 268 -17.54 -18.05 5.15
CA VAL A 268 -18.64 -19.02 4.97
C VAL A 268 -19.41 -19.19 6.29
N GLY A 269 -18.73 -19.20 7.44
CA GLY A 269 -19.38 -19.23 8.76
C GLY A 269 -20.37 -18.08 8.95
N THR A 270 -20.07 -16.90 8.42
CA THR A 270 -20.92 -15.69 8.59
C THR A 270 -22.14 -15.76 7.70
N GLY A 271 -22.07 -16.59 6.66
CA GLY A 271 -23.16 -16.68 5.68
C GLY A 271 -23.21 -15.46 4.78
N LEU A 272 -22.28 -14.51 4.91
CA LEU A 272 -22.28 -13.32 4.02
C LEU A 272 -21.82 -13.70 2.62
N ASP A 273 -21.18 -14.86 2.41
CA ASP A 273 -20.80 -15.31 1.05
C ASP A 273 -22.06 -15.51 0.21
N LYS A 274 -23.19 -15.80 0.85
CA LYS A 274 -24.45 -16.15 0.17
C LYS A 274 -25.30 -14.91 -0.08
N LEU A 275 -24.88 -13.72 0.35
CA LEU A 275 -25.75 -12.52 0.22
C LEU A 275 -25.66 -12.00 -1.21
N PRO A 276 -26.72 -11.32 -1.70
CA PRO A 276 -26.74 -10.82 -3.08
C PRO A 276 -25.44 -10.12 -3.51
N PHE A 277 -24.96 -9.18 -2.70
CA PHE A 277 -23.92 -8.18 -3.05
C PHE A 277 -22.54 -8.70 -2.64
N ALA A 278 -21.51 -7.83 -2.71
CA ALA A 278 -20.11 -8.08 -2.29
C ALA A 278 -19.69 -9.52 -2.61
N ARG A 279 -20.04 -9.99 -3.82
CA ARG A 279 -19.42 -11.15 -4.49
C ARG A 279 -17.90 -10.92 -4.44
N ASN A 280 -17.16 -11.86 -3.84
CA ASN A 280 -15.67 -11.85 -3.83
C ASN A 280 -15.11 -10.73 -2.93
N GLY A 281 -15.90 -10.15 -2.03
CA GLY A 281 -15.42 -9.16 -1.05
C GLY A 281 -14.28 -9.67 -0.16
N LEU A 282 -14.39 -10.87 0.39
CA LEU A 282 -13.33 -11.48 1.24
C LEU A 282 -12.02 -11.50 0.46
N ILE A 283 -12.00 -12.04 -0.75
CA ILE A 283 -10.70 -12.29 -1.42
C ILE A 283 -10.16 -10.94 -1.92
N GLN A 284 -11.03 -10.00 -2.30
CA GLN A 284 -10.63 -8.61 -2.65
C GLN A 284 -10.02 -7.95 -1.41
N SER A 285 -10.67 -8.11 -0.26
CA SER A 285 -10.16 -7.51 0.98
C SER A 285 -8.77 -8.11 1.27
N TYR A 286 -8.64 -9.42 1.19
CA TYR A 286 -7.37 -10.08 1.58
C TYR A 286 -6.27 -9.61 0.62
N MET A 287 -6.59 -9.48 -0.66
CA MET A 287 -5.56 -9.08 -1.67
C MET A 287 -5.11 -7.64 -1.43
N TYR A 288 -6.00 -6.79 -0.97
CA TYR A 288 -5.65 -5.42 -0.52
C TYR A 288 -4.81 -5.48 0.75
N ALA A 289 -5.21 -6.32 1.69
CA ALA A 289 -4.52 -6.51 2.99
C ALA A 289 -3.04 -6.87 2.72
N ILE A 290 -2.79 -7.72 1.72
CA ILE A 290 -1.42 -8.18 1.37
C ILE A 290 -0.57 -6.97 0.90
N GLY A 291 -1.16 -5.95 0.25
CA GLY A 291 -0.47 -4.68 -0.06
C GLY A 291 -0.17 -3.86 1.17
N MET A 292 -1.08 -3.86 2.13
CA MET A 292 -0.88 -3.12 3.40
C MET A 292 0.22 -3.78 4.24
N LEU A 293 0.21 -5.10 4.39
CA LEU A 293 1.20 -5.80 5.25
C LEU A 293 1.23 -7.26 4.84
N PHE A 294 2.40 -7.81 4.53
CA PHE A 294 2.54 -9.19 4.00
C PHE A 294 3.35 -10.08 4.95
N GLU A 295 4.05 -9.48 5.90
CA GLU A 295 5.03 -10.22 6.73
C GLU A 295 4.32 -11.31 7.53
N PRO A 296 4.92 -12.51 7.62
CA PRO A 296 4.36 -13.59 8.43
C PRO A 296 4.08 -13.25 9.90
N HIS A 297 4.96 -12.50 10.56
CA HIS A 297 4.80 -12.21 12.01
C HIS A 297 3.58 -11.30 12.23
N LEU A 298 3.02 -10.72 11.17
CA LEU A 298 1.84 -9.85 11.29
C LEU A 298 0.60 -10.59 10.79
N GLY A 299 0.61 -11.93 10.83
CA GLY A 299 -0.50 -12.74 10.32
C GLY A 299 -1.78 -12.45 11.05
N GLU A 300 -1.78 -12.44 12.38
CA GLU A 300 -3.06 -12.26 13.10
C GLU A 300 -3.66 -10.87 12.80
N VAL A 301 -2.82 -9.85 12.80
CA VAL A 301 -3.24 -8.47 12.49
C VAL A 301 -3.79 -8.46 11.07
N ARG A 302 -3.08 -9.09 10.13
CA ARG A 302 -3.50 -9.11 8.71
C ARG A 302 -4.88 -9.75 8.61
N GLU A 303 -5.10 -10.88 9.29
CA GLU A 303 -6.43 -11.56 9.20
C GLU A 303 -7.51 -10.62 9.73
N MET A 304 -7.26 -9.92 10.83
CA MET A 304 -8.27 -9.01 11.40
C MET A 304 -8.54 -7.85 10.44
N GLU A 305 -7.49 -7.25 9.85
CA GLU A 305 -7.68 -6.16 8.86
C GLU A 305 -8.52 -6.71 7.71
N ALA A 306 -8.22 -7.92 7.25
CA ALA A 306 -8.93 -8.53 6.12
C ALA A 306 -10.41 -8.72 6.47
N LYS A 307 -10.71 -9.14 7.70
CA LYS A 307 -12.14 -9.26 8.11
C LYS A 307 -12.80 -7.89 8.01
N VAL A 308 -12.16 -6.86 8.56
CA VAL A 308 -12.73 -5.50 8.55
C VAL A 308 -12.99 -5.08 7.09
N GLY A 309 -12.00 -5.29 6.22
CA GLY A 309 -12.14 -4.89 4.81
C GLY A 309 -13.29 -5.61 4.12
N ALA A 310 -13.46 -6.91 4.40
CA ALA A 310 -14.55 -7.72 3.82
C ALA A 310 -15.90 -7.09 4.26
N LEU A 311 -15.98 -6.63 5.50
CA LEU A 311 -17.22 -6.03 6.06
C LEU A 311 -17.42 -4.65 5.47
N ILE A 312 -16.35 -3.91 5.27
CA ILE A 312 -16.45 -2.54 4.70
C ILE A 312 -17.08 -2.68 3.30
N THR A 313 -16.56 -3.56 2.48
CA THR A 313 -17.05 -3.67 1.09
C THR A 313 -18.48 -4.20 1.12
N THR A 314 -18.78 -5.17 1.99
CA THR A 314 -20.16 -5.70 2.14
C THR A 314 -21.12 -4.59 2.54
N ILE A 315 -20.81 -3.83 3.59
CA ILE A 315 -21.76 -2.83 4.13
C ILE A 315 -21.84 -1.61 3.19
N ASP A 316 -20.76 -1.31 2.49
CA ASP A 316 -20.77 -0.30 1.40
C ASP A 316 -21.92 -0.63 0.44
N ASP A 317 -22.01 -1.89 0.00
CA ASP A 317 -23.12 -2.34 -0.89
C ASP A 317 -24.48 -2.20 -0.19
N VAL A 318 -24.59 -2.53 1.10
CA VAL A 318 -25.86 -2.37 1.85
C VAL A 318 -26.32 -0.92 1.73
N TYR A 319 -25.41 0.03 1.97
CA TYR A 319 -25.77 1.45 2.03
C TYR A 319 -25.97 1.98 0.61
N ASP A 320 -25.27 1.43 -0.37
CA ASP A 320 -25.25 1.99 -1.74
C ASP A 320 -26.48 1.47 -2.51
N VAL A 321 -26.74 0.17 -2.42
CA VAL A 321 -27.67 -0.59 -3.33
C VAL A 321 -28.93 -1.05 -2.56
N TYR A 322 -28.79 -1.64 -1.38
CA TYR A 322 -29.73 -2.66 -0.84
C TYR A 322 -30.72 -2.08 0.19
N GLY A 323 -30.24 -1.28 1.14
CA GLY A 323 -31.10 -0.82 2.25
C GLY A 323 -31.94 0.37 1.85
N THR A 324 -33.10 0.50 2.47
CA THR A 324 -33.95 1.70 2.46
C THR A 324 -33.35 2.73 3.40
N MET A 325 -33.73 4.00 3.27
CA MET A 325 -33.14 5.04 4.12
C MET A 325 -33.48 4.74 5.59
N GLU A 326 -34.67 4.19 5.86
CA GLU A 326 -35.07 3.84 7.26
C GLU A 326 -34.20 2.69 7.81
N GLU A 327 -33.96 1.67 6.99
CA GLU A 327 -33.07 0.53 7.32
C GLU A 327 -31.67 1.08 7.64
N LEU A 328 -31.13 1.94 6.78
CA LEU A 328 -29.76 2.49 6.91
C LEU A 328 -29.67 3.36 8.16
N GLU A 329 -30.67 4.21 8.41
CA GLU A 329 -30.71 5.04 9.64
C GLU A 329 -30.68 4.15 10.89
N LEU A 330 -31.44 3.06 10.89
CA LEU A 330 -31.46 2.14 12.04
C LEU A 330 -30.07 1.48 12.18
N PHE A 331 -29.53 0.98 11.09
CA PHE A 331 -28.19 0.33 11.05
C PHE A 331 -27.21 1.30 11.72
N THR A 332 -27.22 2.56 11.28
CA THR A 332 -26.32 3.62 11.79
C THR A 332 -26.57 3.84 13.28
N ASP A 333 -27.83 3.96 13.70
CA ASP A 333 -28.19 4.29 15.10
C ASP A 333 -27.78 3.14 16.01
N ILE A 334 -28.06 1.91 15.62
CA ILE A 334 -27.63 0.71 16.40
C ILE A 334 -26.10 0.77 16.59
N THR A 335 -25.36 1.07 15.53
CA THR A 335 -23.88 1.10 15.54
C THR A 335 -23.40 2.24 16.43
N GLU A 336 -23.96 3.45 16.29
CA GLU A 336 -23.62 4.62 17.14
C GLU A 336 -23.81 4.26 18.61
N ARG A 337 -24.86 3.55 18.98
CA ARG A 337 -25.13 3.26 20.41
C ARG A 337 -24.47 1.94 20.82
N TRP A 338 -23.90 1.21 19.88
CA TRP A 338 -23.37 -0.15 20.11
C TRP A 338 -24.40 -0.94 20.94
N ASP A 339 -25.63 -0.98 20.45
CA ASP A 339 -26.79 -1.54 21.19
C ASP A 339 -27.67 -2.25 20.18
N ILE A 340 -27.69 -3.56 20.23
CA ILE A 340 -28.36 -4.38 19.20
C ILE A 340 -29.80 -4.74 19.61
N ASN A 341 -30.40 -4.04 20.55
CA ASN A 341 -31.80 -4.31 20.99
C ASN A 341 -32.77 -4.36 19.79
N ARG A 342 -32.67 -3.45 18.85
CA ARG A 342 -33.67 -3.24 17.77
C ARG A 342 -33.29 -4.00 16.51
N VAL A 343 -32.27 -4.87 16.55
CA VAL A 343 -31.68 -5.40 15.30
C VAL A 343 -32.70 -6.24 14.51
N ASP A 344 -33.68 -6.87 15.18
CA ASP A 344 -34.68 -7.77 14.54
C ASP A 344 -35.70 -6.96 13.71
N GLN A 345 -35.70 -5.63 13.81
CA GLN A 345 -36.46 -4.75 12.89
C GLN A 345 -35.85 -4.72 11.51
N LEU A 346 -34.59 -5.14 11.33
CA LEU A 346 -33.96 -5.14 10.00
C LEU A 346 -34.24 -6.48 9.35
N PRO A 347 -34.35 -6.49 8.01
CA PRO A 347 -34.43 -7.74 7.28
C PRO A 347 -33.11 -8.55 7.40
N ARG A 348 -33.22 -9.85 7.22
CA ARG A 348 -32.12 -10.85 7.40
C ARG A 348 -30.88 -10.40 6.62
N ASN A 349 -31.02 -9.99 5.35
CA ASN A 349 -29.83 -9.69 4.49
C ASN A 349 -29.15 -8.40 4.95
N ILE A 350 -29.74 -7.64 5.87
CA ILE A 350 -29.08 -6.44 6.47
C ILE A 350 -28.69 -6.75 7.92
N ARG A 351 -29.52 -7.50 8.63
CA ARG A 351 -29.21 -7.89 10.02
C ARG A 351 -27.90 -8.68 10.05
N MET A 352 -27.68 -9.54 9.06
CA MET A 352 -26.53 -10.46 9.07
C MET A 352 -25.23 -9.67 8.93
N PRO A 353 -25.10 -8.77 7.95
CA PRO A 353 -23.94 -7.87 7.90
C PRO A 353 -23.77 -7.02 9.15
N LEU A 354 -24.86 -6.47 9.71
CA LEU A 354 -24.76 -5.65 10.93
C LEU A 354 -24.18 -6.50 12.07
N LEU A 355 -24.75 -7.67 12.32
CA LEU A 355 -24.31 -8.45 13.48
C LEU A 355 -22.90 -8.97 13.24
N THR A 356 -22.53 -9.30 12.00
CA THR A 356 -21.14 -9.73 11.72
C THR A 356 -20.18 -8.57 12.03
N MET A 357 -20.52 -7.36 11.63
CA MET A 357 -19.74 -6.14 11.93
C MET A 357 -19.61 -5.98 13.45
N PHE A 358 -20.70 -6.15 14.19
CA PHE A 358 -20.73 -6.01 15.66
C PHE A 358 -19.84 -7.08 16.29
N ASN A 359 -20.07 -8.34 15.92
CA ASN A 359 -19.36 -9.50 16.51
C ASN A 359 -17.86 -9.40 16.21
N THR A 360 -17.49 -9.09 14.99
CA THR A 360 -16.07 -8.99 14.56
C THR A 360 -15.41 -7.80 15.29
N SER A 361 -16.08 -6.67 15.38
CA SER A 361 -15.57 -5.49 16.11
C SER A 361 -15.33 -5.86 17.59
N ASN A 362 -16.28 -6.54 18.21
CA ASN A 362 -16.09 -7.04 19.60
C ASN A 362 -14.90 -8.02 19.67
N ASP A 363 -14.76 -8.93 18.71
CA ASP A 363 -13.66 -9.91 18.72
C ASP A 363 -12.32 -9.18 18.63
N ILE A 364 -12.23 -8.19 17.74
CA ILE A 364 -10.96 -7.46 17.48
C ILE A 364 -10.62 -6.63 18.73
N GLY A 365 -11.59 -5.94 19.31
CA GLY A 365 -11.37 -5.17 20.54
C GLY A 365 -10.95 -6.11 21.65
N TYR A 366 -11.50 -7.31 21.68
CA TYR A 366 -11.20 -8.32 22.73
C TYR A 366 -9.76 -8.82 22.53
N TRP A 367 -9.36 -9.05 21.30
CA TRP A 367 -7.97 -9.47 21.01
C TRP A 367 -6.99 -8.46 21.61
N ALA A 368 -7.27 -7.19 21.45
CA ALA A 368 -6.44 -6.11 22.03
C ALA A 368 -6.41 -6.23 23.56
N LEU A 369 -7.56 -6.52 24.18
CA LEU A 369 -7.59 -6.73 25.65
C LEU A 369 -6.70 -7.92 26.02
N LYS A 370 -6.93 -9.08 25.41
CA LYS A 370 -6.23 -10.34 25.75
C LYS A 370 -4.74 -10.19 25.44
N GLU A 371 -4.41 -9.72 24.26
CA GLU A 371 -3.03 -9.78 23.73
C GLU A 371 -2.24 -8.54 24.15
N ARG A 372 -2.87 -7.37 24.17
CA ARG A 372 -2.13 -6.09 24.30
C ARG A 372 -2.46 -5.39 25.61
N GLY A 373 -3.35 -5.94 26.44
CA GLY A 373 -3.74 -5.40 27.77
C GLY A 373 -4.73 -4.25 27.69
N PHE A 374 -5.38 -4.05 26.56
CA PHE A 374 -6.13 -2.81 26.33
C PHE A 374 -7.43 -3.14 25.59
N ASN A 375 -8.57 -2.81 26.19
CA ASN A 375 -9.87 -3.13 25.56
C ASN A 375 -10.07 -2.20 24.35
N GLY A 376 -10.05 -2.75 23.13
CA GLY A 376 -10.15 -1.97 21.90
C GLY A 376 -11.58 -1.78 21.43
N ILE A 377 -12.57 -2.36 22.10
CA ILE A 377 -13.97 -2.32 21.58
C ILE A 377 -14.46 -0.88 21.44
N PRO A 378 -14.14 0.05 22.37
CA PRO A 378 -14.62 1.41 22.20
C PRO A 378 -14.14 2.02 20.87
N TYR A 379 -12.96 1.62 20.41
CA TYR A 379 -12.28 2.20 19.21
C TYR A 379 -12.79 1.52 17.94
N THR A 380 -12.94 0.20 17.92
CA THR A 380 -13.58 -0.47 16.77
C THR A 380 -15.03 0.04 16.62
N ALA A 381 -15.77 0.15 17.72
CA ALA A 381 -17.18 0.63 17.69
C ALA A 381 -17.16 2.07 17.17
N LYS A 382 -16.19 2.86 17.60
CA LYS A 382 -16.21 4.30 17.20
C LYS A 382 -15.95 4.43 15.69
N VAL A 383 -14.95 3.74 15.14
CA VAL A 383 -14.58 3.93 13.70
C VAL A 383 -15.68 3.36 12.80
N TRP A 384 -16.38 2.31 13.23
CA TRP A 384 -17.57 1.81 12.49
C TRP A 384 -18.71 2.82 12.53
N ALA A 385 -18.97 3.43 13.68
CA ALA A 385 -20.01 4.48 13.79
C ALA A 385 -19.66 5.63 12.84
N ASP A 386 -18.39 6.06 12.84
CA ASP A 386 -17.94 7.16 11.96
C ASP A 386 -18.13 6.75 10.50
N GLN A 387 -17.77 5.51 10.15
CA GLN A 387 -17.86 5.08 8.75
C GLN A 387 -19.34 5.02 8.30
N LEU A 388 -20.23 4.52 9.15
CA LEU A 388 -21.66 4.44 8.75
C LEU A 388 -22.28 5.83 8.66
N LYS A 389 -21.87 6.77 9.51
CA LYS A 389 -22.27 8.19 9.41
C LYS A 389 -21.85 8.73 8.05
N SER A 390 -20.66 8.39 7.58
CA SER A 390 -20.12 8.90 6.28
C SER A 390 -20.90 8.25 5.13
N TYR A 391 -21.28 6.99 5.25
CA TYR A 391 -22.19 6.32 4.27
C TYR A 391 -23.57 7.01 4.24
N THR A 392 -24.08 7.33 5.43
CA THR A 392 -25.44 7.91 5.60
C THR A 392 -25.43 9.30 4.97
N LYS A 393 -24.35 10.06 5.14
CA LYS A 393 -24.25 11.42 4.57
C LYS A 393 -24.26 11.31 3.04
N GLU A 394 -23.48 10.36 2.48
CA GLU A 394 -23.46 10.10 1.01
C GLU A 394 -24.88 9.75 0.53
N ALA A 395 -25.59 8.86 1.24
CA ALA A 395 -26.96 8.39 0.91
C ALA A 395 -27.93 9.58 0.95
N LYS A 396 -27.76 10.50 1.89
CA LYS A 396 -28.66 11.66 2.03
C LYS A 396 -28.37 12.66 0.91
N TRP A 397 -27.10 12.90 0.60
CA TRP A 397 -26.69 13.72 -0.57
C TRP A 397 -27.35 13.16 -1.84
N PHE A 398 -27.29 11.86 -2.02
CA PHE A 398 -27.81 11.23 -3.26
C PHE A 398 -29.32 11.48 -3.33
N HIS A 399 -30.02 11.15 -2.24
CA HIS A 399 -31.50 11.22 -2.09
C HIS A 399 -32.01 12.65 -2.28
N GLU A 400 -31.28 13.64 -1.77
CA GLU A 400 -31.67 15.08 -1.87
C GLU A 400 -31.06 15.75 -3.11
N GLY A 401 -30.33 15.00 -3.95
CA GLY A 401 -29.63 15.53 -5.14
C GLY A 401 -28.66 16.65 -4.81
N HIS A 402 -27.90 16.54 -3.71
CA HIS A 402 -26.87 17.55 -3.34
C HIS A 402 -25.62 17.33 -4.19
N LYS A 403 -25.02 18.43 -4.68
CA LYS A 403 -23.69 18.45 -5.32
C LYS A 403 -22.70 19.09 -4.35
N PRO A 404 -21.95 18.29 -3.57
CA PRO A 404 -20.91 18.88 -2.73
C PRO A 404 -19.75 19.46 -3.53
N THR A 405 -19.08 20.44 -2.95
CA THR A 405 -17.76 20.91 -3.39
C THR A 405 -16.78 19.73 -3.27
N LEU A 406 -15.67 19.79 -4.00
CA LEU A 406 -14.60 18.76 -3.85
C LEU A 406 -14.20 18.69 -2.37
N GLU A 407 -13.96 19.82 -1.70
CA GLU A 407 -13.52 19.84 -0.28
C GLU A 407 -14.57 19.17 0.61
N GLU A 408 -15.85 19.53 0.45
CA GLU A 408 -16.97 18.98 1.25
C GLU A 408 -17.05 17.47 1.01
N TYR A 409 -16.93 17.04 -0.24
CA TYR A 409 -16.97 15.61 -0.60
C TYR A 409 -15.82 14.89 0.10
N LEU A 410 -14.58 15.36 -0.09
CA LEU A 410 -13.38 14.65 0.40
C LEU A 410 -13.41 14.59 1.93
N GLU A 411 -13.96 15.60 2.61
CA GLU A 411 -13.99 15.62 4.09
C GLU A 411 -14.78 14.40 4.57
N ASN A 412 -15.84 14.04 3.86
CA ASN A 412 -16.65 12.85 4.17
C ASN A 412 -16.04 11.58 3.55
N ALA A 413 -15.55 11.67 2.31
CA ALA A 413 -15.17 10.50 1.47
C ALA A 413 -13.82 9.92 1.93
N LEU A 414 -12.99 10.70 2.65
CA LEU A 414 -11.77 10.14 3.29
C LEU A 414 -12.17 9.24 4.44
N VAL A 415 -13.39 9.40 4.96
CA VAL A 415 -13.92 8.46 6.01
C VAL A 415 -14.64 7.29 5.31
N SER A 416 -15.50 7.58 4.33
CA SER A 416 -16.33 6.53 3.69
C SER A 416 -15.46 5.48 2.99
N ILE A 417 -14.24 5.83 2.54
CA ILE A 417 -13.29 4.90 1.86
C ILE A 417 -12.91 3.75 2.80
N GLY A 418 -12.94 3.96 4.11
CA GLY A 418 -12.75 2.90 5.10
C GLY A 418 -11.38 2.92 5.72
N PHE A 419 -10.47 3.77 5.27
CA PHE A 419 -9.08 3.75 5.77
C PHE A 419 -8.92 4.34 7.18
N PRO A 420 -9.70 5.32 7.67
CA PRO A 420 -9.66 5.64 9.10
C PRO A 420 -9.95 4.39 9.96
N ASN A 421 -10.99 3.64 9.61
CA ASN A 421 -11.39 2.38 10.28
C ASN A 421 -10.21 1.39 10.24
N LEU A 422 -9.70 1.10 9.04
CA LEU A 422 -8.60 0.13 8.86
C LEU A 422 -7.32 0.59 9.57
N LEU A 423 -6.96 1.87 9.50
CA LEU A 423 -5.68 2.34 10.09
C LEU A 423 -5.79 2.45 11.61
N VAL A 424 -6.90 2.96 12.14
CA VAL A 424 -7.06 3.06 13.61
C VAL A 424 -7.05 1.63 14.16
N THR A 425 -7.68 0.69 13.46
CA THR A 425 -7.68 -0.70 13.92
C THR A 425 -6.22 -1.19 13.95
N SER A 426 -5.45 -0.96 12.89
CA SER A 426 -4.09 -1.54 12.77
C SER A 426 -3.21 -0.96 13.88
N TYR A 427 -3.45 0.28 14.26
CA TYR A 427 -2.69 0.95 15.34
C TYR A 427 -3.02 0.29 16.68
N LEU A 428 -4.31 0.16 16.96
CA LEU A 428 -4.87 -0.55 18.15
C LEU A 428 -4.14 -1.85 18.33
N LEU A 429 -3.98 -2.64 17.26
CA LEU A 429 -3.49 -4.03 17.32
C LEU A 429 -1.96 -4.06 17.43
N THR A 430 -1.25 -2.98 17.09
CA THR A 430 0.25 -3.08 16.95
C THR A 430 1.01 -2.11 17.84
N VAL A 431 0.39 -1.04 18.28
CA VAL A 431 1.08 -0.01 19.10
C VAL A 431 1.61 -0.63 20.40
N ASP A 432 2.85 -0.30 20.77
CA ASP A 432 3.41 -0.73 22.06
C ASP A 432 2.80 0.20 23.12
N ASN A 433 2.37 -0.38 24.23
CA ASN A 433 1.75 0.34 25.38
C ASN A 433 0.57 1.17 24.92
N PRO A 434 -0.50 0.55 24.37
CA PRO A 434 -1.67 1.30 23.95
C PRO A 434 -2.26 2.01 25.18
N THR A 435 -2.78 3.21 24.95
CA THR A 435 -3.50 4.02 25.95
C THR A 435 -4.62 4.74 25.25
N LYS A 436 -5.58 5.24 26.00
CA LYS A 436 -6.68 6.07 25.48
C LYS A 436 -6.10 7.31 24.81
N GLU A 437 -5.08 7.97 25.41
CA GLU A 437 -4.43 9.15 24.81
C GLU A 437 -3.94 8.79 23.40
N LYS A 438 -3.17 7.73 23.28
CA LYS A 438 -2.57 7.32 21.99
C LYS A 438 -3.68 7.00 20.98
N LEU A 439 -4.72 6.24 21.36
CA LEU A 439 -5.81 5.88 20.40
C LEU A 439 -6.60 7.13 20.03
N ASP A 440 -6.90 8.00 21.00
CA ASP A 440 -7.66 9.25 20.73
C ASP A 440 -6.88 10.06 19.69
N TYR A 441 -5.55 10.08 19.77
CA TYR A 441 -4.74 10.88 18.82
C TYR A 441 -4.88 10.31 17.40
N VAL A 442 -4.61 9.02 17.22
CA VAL A 442 -4.65 8.36 15.88
C VAL A 442 -6.06 8.47 15.33
N ASP A 443 -7.06 8.32 16.18
CA ASP A 443 -8.50 8.38 15.76
C ASP A 443 -8.89 9.79 15.37
N SER A 444 -8.17 10.83 15.83
CA SER A 444 -8.44 12.24 15.42
C SER A 444 -7.93 12.53 13.99
N LEU A 445 -7.18 11.61 13.38
CA LEU A 445 -6.68 11.72 11.97
C LEU A 445 -5.78 12.95 11.84
N PRO A 446 -4.55 12.87 12.43
CA PRO A 446 -3.57 13.90 12.20
C PRO A 446 -3.14 13.82 10.73
N LEU A 447 -2.41 14.83 10.25
CA LEU A 447 -2.06 14.94 8.81
C LEU A 447 -1.55 13.62 8.23
N PHE A 448 -0.59 12.99 8.90
CA PHE A 448 0.02 11.75 8.34
C PHE A 448 -1.08 10.74 7.99
N VAL A 449 -1.98 10.50 8.93
CA VAL A 449 -3.06 9.50 8.72
C VAL A 449 -4.07 10.04 7.70
N ARG A 450 -4.48 11.30 7.85
CA ARG A 450 -5.48 11.90 6.93
C ARG A 450 -4.95 11.86 5.49
N ALA A 451 -3.67 12.15 5.30
CA ALA A 451 -3.04 12.14 3.97
C ALA A 451 -3.27 10.78 3.31
N SER A 452 -2.97 9.72 4.07
CA SER A 452 -3.16 8.36 3.55
C SER A 452 -4.61 8.10 3.18
N CYS A 453 -5.52 8.49 4.06
CA CYS A 453 -6.96 8.26 3.81
C CYS A 453 -7.43 9.03 2.56
N ILE A 454 -7.02 10.28 2.43
CA ILE A 454 -7.41 11.13 1.27
C ILE A 454 -6.84 10.49 0.02
N LEU A 455 -5.56 10.08 0.07
CA LEU A 455 -4.92 9.42 -1.11
C LEU A 455 -5.72 8.17 -1.49
N CYS A 456 -6.01 7.28 -0.55
CA CYS A 456 -6.74 6.02 -0.88
C CYS A 456 -8.09 6.35 -1.55
N ARG A 457 -8.78 7.38 -1.08
CA ARG A 457 -10.07 7.82 -1.66
C ARG A 457 -9.84 8.36 -3.08
N ILE A 458 -8.94 9.34 -3.27
CA ILE A 458 -8.80 9.99 -4.60
C ILE A 458 -8.22 8.98 -5.64
N ILE A 459 -7.30 8.11 -5.24
CA ILE A 459 -6.79 7.00 -6.12
C ILE A 459 -7.94 6.10 -6.55
N ASN A 460 -8.82 5.74 -5.62
CA ASN A 460 -10.01 4.92 -5.95
C ASN A 460 -10.87 5.67 -6.97
N ASP A 461 -11.09 6.95 -6.74
CA ASP A 461 -11.98 7.76 -7.62
C ASP A 461 -11.35 7.92 -9.01
N LEU A 462 -10.04 8.04 -9.08
CA LEU A 462 -9.34 8.13 -10.39
C LEU A 462 -9.43 6.79 -11.12
N GLY A 463 -9.61 5.69 -10.39
CA GLY A 463 -9.64 4.34 -10.95
C GLY A 463 -10.81 4.11 -11.88
N LEU A 475 -21.04 12.52 -6.76
CA LEU A 475 -20.37 12.11 -5.51
C LEU A 475 -19.06 11.38 -5.82
N LYS A 476 -18.27 11.86 -6.80
CA LYS A 476 -16.91 11.30 -7.01
C LYS A 476 -15.95 12.49 -7.18
N SER A 477 -14.66 12.32 -6.90
CA SER A 477 -13.68 13.44 -6.88
C SER A 477 -13.76 14.22 -8.20
N ILE A 478 -13.62 13.56 -9.33
CA ILE A 478 -13.50 14.29 -10.63
C ILE A 478 -14.78 15.11 -10.84
N GLN A 479 -15.95 14.48 -10.72
CA GLN A 479 -17.29 15.08 -11.01
C GLN A 479 -17.55 16.27 -10.06
N CYS A 480 -17.16 16.15 -8.78
CA CYS A 480 -17.30 17.25 -7.79
C CYS A 480 -16.47 18.46 -8.22
N TYR A 481 -15.26 18.23 -8.71
CA TYR A 481 -14.36 19.34 -9.08
C TYR A 481 -14.91 20.02 -10.35
N MET A 482 -15.40 19.20 -11.30
CA MET A 482 -16.15 19.64 -12.51
C MET A 482 -17.32 20.53 -12.09
N ASN A 483 -18.15 20.08 -11.14
CA ASN A 483 -19.35 20.85 -10.69
C ASN A 483 -18.93 22.16 -10.03
N GLU A 484 -17.82 22.17 -9.31
CA GLU A 484 -17.40 23.33 -8.50
C GLU A 484 -16.79 24.43 -9.39
N THR A 485 -16.05 24.06 -10.45
CA THR A 485 -15.18 25.00 -11.24
C THR A 485 -15.60 25.08 -12.71
N GLY A 486 -16.50 24.20 -13.19
CA GLY A 486 -16.83 24.06 -14.61
C GLY A 486 -15.70 23.46 -15.44
N ALA A 487 -14.63 22.95 -14.82
CA ALA A 487 -13.51 22.29 -15.55
C ALA A 487 -14.04 21.17 -16.44
N SER A 488 -13.35 20.86 -17.53
CA SER A 488 -13.51 19.62 -18.32
C SER A 488 -13.15 18.40 -17.46
N GLN A 489 -13.60 17.22 -17.88
CA GLN A 489 -13.19 15.93 -17.26
C GLN A 489 -11.66 15.85 -17.33
N GLU A 490 -11.07 16.18 -18.47
CA GLU A 490 -9.59 16.07 -18.67
C GLU A 490 -8.86 16.97 -17.67
N VAL A 491 -9.33 18.22 -17.49
CA VAL A 491 -8.70 19.21 -16.58
C VAL A 491 -8.99 18.80 -15.12
N ALA A 492 -10.21 18.35 -14.85
CA ALA A 492 -10.65 17.92 -13.52
C ALA A 492 -9.79 16.72 -13.09
N ARG A 493 -9.64 15.72 -13.97
CA ARG A 493 -8.75 14.55 -13.73
C ARG A 493 -7.31 15.02 -13.43
N GLU A 494 -6.76 15.98 -14.20
CA GLU A 494 -5.34 16.42 -14.00
C GLU A 494 -5.22 17.09 -12.64
N HIS A 495 -6.25 17.85 -12.23
CA HIS A 495 -6.27 18.50 -10.90
C HIS A 495 -6.20 17.43 -9.79
N ILE A 496 -7.01 16.38 -9.90
CA ILE A 496 -7.09 15.29 -8.87
C ILE A 496 -5.74 14.59 -8.85
N GLU A 497 -5.16 14.32 -10.02
CA GLU A 497 -3.79 13.74 -10.15
C GLU A 497 -2.77 14.62 -9.41
N GLY A 498 -2.86 15.95 -9.54
CA GLY A 498 -1.94 16.86 -8.83
C GLY A 498 -2.13 16.75 -7.31
N LEU A 499 -3.34 16.47 -6.86
CA LEU A 499 -3.65 16.26 -5.42
C LEU A 499 -2.98 14.96 -4.95
N VAL A 500 -2.97 13.93 -5.77
CA VAL A 500 -2.23 12.68 -5.44
C VAL A 500 -0.77 13.04 -5.21
N ARG A 501 -0.16 13.82 -6.10
CA ARG A 501 1.29 14.10 -6.02
C ARG A 501 1.55 14.97 -4.79
N MET A 502 0.63 15.89 -4.52
CA MET A 502 0.78 16.81 -3.36
C MET A 502 0.73 16.00 -2.05
N TRP A 503 -0.28 15.16 -1.89
CA TRP A 503 -0.44 14.41 -0.63
C TRP A 503 0.71 13.40 -0.45
N TRP A 504 1.27 12.87 -1.55
CA TRP A 504 2.46 11.99 -1.48
C TRP A 504 3.64 12.80 -0.93
N LYS A 505 3.82 14.06 -1.37
CA LYS A 505 4.97 14.86 -0.90
C LYS A 505 4.84 15.08 0.62
N ARG A 506 3.63 15.29 1.08
CA ARG A 506 3.33 15.49 2.53
C ARG A 506 3.59 14.21 3.32
N LEU A 507 3.22 13.05 2.78
CA LEU A 507 3.55 11.76 3.43
C LEU A 507 5.07 11.62 3.53
N ASN A 508 5.79 11.87 2.42
CA ASN A 508 7.25 11.72 2.34
C ASN A 508 7.90 12.55 3.46
N LYS A 509 7.51 13.81 3.55
CA LYS A 509 8.13 14.74 4.52
C LYS A 509 7.76 14.28 5.94
N CYS A 510 6.51 13.94 6.19
CA CYS A 510 6.08 13.43 7.52
C CYS A 510 7.02 12.29 7.95
N LEU A 511 7.65 11.53 7.04
CA LEU A 511 8.49 10.37 7.44
C LEU A 511 9.92 10.80 7.83
N PHE A 512 10.35 12.01 7.50
CA PHE A 512 11.63 12.54 8.01
C PHE A 512 11.43 13.29 9.31
N GLU A 513 10.17 13.46 9.70
CA GLU A 513 9.89 14.22 10.91
C GLU A 513 9.76 13.19 12.01
N PRO A 514 10.22 13.55 13.21
CA PRO A 514 9.82 12.85 14.42
C PRO A 514 8.30 12.71 14.45
N SER A 515 7.87 11.53 14.87
CA SER A 515 6.46 11.09 14.87
C SER A 515 6.17 10.48 16.22
N PRO A 516 4.94 10.59 16.73
CA PRO A 516 4.52 9.79 17.86
C PRO A 516 4.32 8.32 17.48
N PHE A 517 4.36 8.01 16.18
CA PHE A 517 4.12 6.66 15.62
C PHE A 517 5.42 5.93 15.40
N THR A 518 5.37 4.60 15.46
CA THR A 518 6.53 3.71 15.24
C THR A 518 6.14 2.71 14.15
N GLU A 519 7.08 1.87 13.73
CA GLU A 519 6.75 0.65 12.94
C GLU A 519 5.92 -0.25 13.85
N PRO A 520 5.01 -1.08 13.31
CA PRO A 520 4.76 -1.15 11.88
C PRO A 520 3.74 -0.12 11.35
N PHE A 521 3.13 0.67 12.22
CA PHE A 521 2.07 1.63 11.83
C PHE A 521 2.60 2.62 10.78
N LEU A 522 3.84 3.10 10.91
CA LEU A 522 4.41 4.05 9.92
C LEU A 522 4.32 3.41 8.52
N SER A 523 4.68 2.15 8.40
CA SER A 523 4.64 1.40 7.11
C SER A 523 3.20 1.16 6.64
N PHE A 524 2.29 0.83 7.55
CA PHE A 524 0.88 0.57 7.17
C PHE A 524 0.31 1.78 6.42
N THR A 525 0.60 2.97 6.93
CA THR A 525 0.02 4.21 6.44
C THR A 525 0.46 4.47 5.00
N ILE A 526 1.72 4.20 4.68
CA ILE A 526 2.25 4.32 3.30
C ILE A 526 1.69 3.17 2.48
N ASN A 527 1.70 1.96 3.02
CA ASN A 527 1.45 0.76 2.20
C ASN A 527 -0.03 0.67 1.79
N VAL A 528 -0.98 1.20 2.55
CA VAL A 528 -2.41 1.23 2.09
C VAL A 528 -2.52 2.07 0.82
N VAL A 529 -1.70 3.09 0.68
CA VAL A 529 -1.71 3.96 -0.54
C VAL A 529 -1.17 3.17 -1.73
N ARG A 530 -0.08 2.45 -1.53
CA ARG A 530 0.51 1.57 -2.58
C ARG A 530 -0.50 0.51 -3.01
N GLY A 531 -1.17 -0.11 -2.05
CA GLY A 531 -2.27 -1.07 -2.32
C GLY A 531 -3.34 -0.42 -3.18
N SER A 532 -3.69 0.83 -2.88
CA SER A 532 -4.70 1.58 -3.67
C SER A 532 -4.21 1.82 -5.11
N HIS A 533 -2.99 2.31 -5.30
CA HIS A 533 -2.42 2.51 -6.66
C HIS A 533 -2.47 1.19 -7.43
N PHE A 534 -2.06 0.12 -6.77
CA PHE A 534 -1.85 -1.17 -7.46
C PHE A 534 -3.19 -1.66 -8.00
N PHE A 535 -4.25 -1.52 -7.22
CA PHE A 535 -5.57 -2.09 -7.52
C PHE A 535 -6.48 -1.07 -8.22
N TYR A 536 -6.04 0.17 -8.49
CA TYR A 536 -6.85 1.18 -9.23
C TYR A 536 -6.06 1.80 -10.38
N GLN A 537 -5.32 0.98 -11.13
CA GLN A 537 -4.68 1.42 -12.40
C GLN A 537 -5.78 1.58 -13.45
N ASN A 544 -8.64 -8.21 -19.45
CA ASN A 544 -9.71 -7.85 -18.49
C ASN A 544 -9.09 -7.39 -17.17
N ALA A 545 -9.86 -6.64 -16.39
CA ALA A 545 -9.41 -6.22 -15.05
C ALA A 545 -9.45 -7.46 -14.17
N GLU A 546 -10.48 -8.29 -14.35
CA GLU A 546 -10.62 -9.52 -13.54
C GLU A 546 -9.59 -10.57 -13.97
N SER A 547 -9.15 -10.55 -15.23
CA SER A 547 -8.07 -11.48 -15.63
C SER A 547 -6.77 -11.00 -15.00
N TRP A 548 -6.52 -9.70 -15.06
CA TRP A 548 -5.32 -9.13 -14.40
C TRP A 548 -5.35 -9.45 -12.90
N THR A 549 -6.49 -9.21 -12.24
CA THR A 549 -6.63 -9.45 -10.79
C THR A 549 -6.40 -10.93 -10.49
N LYS A 550 -6.97 -11.81 -11.30
CA LYS A 550 -6.84 -13.25 -10.97
C LYS A 550 -5.39 -13.66 -11.12
N ASN A 551 -4.72 -13.22 -12.19
CA ASN A 551 -3.28 -13.52 -12.37
C ASN A 551 -2.49 -13.04 -11.16
N GLN A 552 -2.79 -11.84 -10.68
CA GLN A 552 -2.07 -11.31 -9.50
C GLN A 552 -2.34 -12.26 -8.33
N GLY A 553 -3.60 -12.61 -8.12
CA GLY A 553 -3.99 -13.49 -7.01
C GLY A 553 -3.33 -14.85 -7.12
N MET A 554 -3.38 -15.46 -8.31
CA MET A 554 -2.82 -16.81 -8.55
C MET A 554 -1.30 -16.74 -8.36
N SER A 555 -0.62 -15.77 -8.96
CA SER A 555 0.87 -15.76 -8.94
C SER A 555 1.36 -15.37 -7.56
N VAL A 556 0.61 -14.57 -6.81
CA VAL A 556 1.12 -14.10 -5.49
C VAL A 556 0.67 -15.05 -4.38
N LEU A 557 -0.56 -15.56 -4.44
CA LEU A 557 -1.15 -16.27 -3.28
C LEU A 557 -1.23 -17.78 -3.53
N ILE A 558 -1.42 -18.23 -4.77
CA ILE A 558 -1.82 -19.66 -5.00
C ILE A 558 -0.61 -20.51 -5.44
N HIS A 559 0.11 -20.08 -6.47
CA HIS A 559 1.21 -20.89 -7.09
C HIS A 559 2.54 -20.52 -6.47
N PRO A 560 3.25 -21.52 -5.92
CA PRO A 560 4.60 -21.30 -5.43
C PRO A 560 5.51 -21.02 -6.63
N ILE A 561 6.64 -20.39 -6.38
CA ILE A 561 7.73 -20.25 -7.39
C ILE A 561 8.47 -21.60 -7.51
N THR A 562 8.67 -22.07 -8.72
CA THR A 562 9.46 -23.29 -9.00
C THR A 562 10.90 -23.08 -8.48
N LEU A 563 11.34 -23.95 -7.59
CA LEU A 563 12.77 -24.05 -7.18
C LEU A 563 13.40 -25.20 -7.97
N ASP A 564 14.66 -25.06 -8.40
CA ASP A 564 15.48 -26.14 -9.00
C ASP A 564 16.42 -26.72 -7.94
S SO4 B . 12.24 21.55 6.76
O1 SO4 B . 11.26 20.95 7.65
O2 SO4 B . 11.58 22.52 5.93
O3 SO4 B . 12.86 20.53 5.91
O4 SO4 B . 13.27 22.19 7.57
S SO4 C . 21.81 22.10 -22.67
O1 SO4 C . 20.84 21.07 -23.00
O2 SO4 C . 22.03 22.91 -23.83
O3 SO4 C . 23.05 21.48 -22.27
O4 SO4 C . 21.31 22.91 -21.59
S SO4 D . 3.80 18.95 -9.72
O1 SO4 D . 2.81 19.43 -10.65
O2 SO4 D . 3.19 18.07 -8.75
O3 SO4 D . 4.39 20.07 -9.03
O4 SO4 D . 4.85 18.24 -10.42
S SO4 E . -36.54 -11.00 6.45
O1 SO4 E . -37.53 -9.95 6.42
O2 SO4 E . -37.18 -12.27 6.17
O3 SO4 E . -35.55 -10.73 5.43
O4 SO4 E . -35.93 -11.05 7.74
S SO4 F . -27.65 21.92 -4.28
O1 SO4 F . -28.88 21.36 -4.75
O2 SO4 F . -26.56 21.01 -4.55
O3 SO4 F . -27.40 23.16 -4.97
O4 SO4 F . -27.73 22.17 -2.86
C CO3 G . 1.91 16.34 -15.52
O1 CO3 G . 1.79 15.20 -16.07
O2 CO3 G . 0.86 17.00 -15.21
O3 CO3 G . 3.07 16.82 -15.27
C1 FPS H . -15.94 0.84 -2.43
S1 FPS H . -15.23 2.47 -2.79
C2 FPS H . -15.27 0.20 -1.28
C3 FPS H . -13.96 -0.04 -1.27
C4 FPS H . -13.24 -0.63 -2.45
C5 FPS H . -13.09 0.28 -0.09
C6 FPS H . -11.68 -0.27 -0.21
C7 FPS H . -11.35 -1.29 0.84
C8 FPS H . -11.28 -2.61 0.74
C10 FPS H . -10.59 -3.42 1.78
C9 FPS H . -11.85 -3.40 -0.40
C11 FPS H . -9.25 -2.87 2.14
C12 FPS H . -8.44 -3.89 2.85
C13 FPS H . -7.39 -3.70 3.63
C14 FPS H . -6.33 -2.69 3.35
C15 FPS H . -7.18 -4.50 4.87
PA FPS H . -16.83 3.49 -3.65
O1A FPS H . -16.47 4.92 -3.85
O2A FPS H . -18.08 3.25 -2.88
O3A FPS H . -16.99 2.79 -5.08
PB FPS H . -18.21 1.97 -5.72
O1B FPS H . -19.17 3.03 -6.20
O2B FPS H . -17.62 1.16 -6.84
O3B FPS H . -18.79 1.10 -4.63
C TRS I . 2.71 8.53 -13.44
C1 TRS I . 3.51 9.13 -12.29
C2 TRS I . 2.61 7.01 -13.30
C3 TRS I . 3.29 8.94 -14.80
N TRS I . 1.32 9.13 -13.36
O1 TRS I . 3.16 10.49 -12.04
O2 TRS I . 1.39 6.60 -12.67
O3 TRS I . 4.27 8.02 -15.29
C1 GOL J . 7.59 3.62 6.36
O1 GOL J . 8.34 3.70 7.57
C2 GOL J . 8.44 3.23 5.17
O2 GOL J . 9.24 2.11 5.51
C3 GOL J . 7.60 2.92 3.92
O3 GOL J . 7.93 1.66 3.33
C1 GOL K . 1.45 -4.64 -13.62
O1 GOL K . 1.30 -3.48 -12.82
C2 GOL K . 1.97 -5.83 -12.83
O2 GOL K . 2.34 -6.85 -13.76
C3 GOL K . 3.16 -5.49 -11.95
O3 GOL K . 3.11 -6.05 -10.64
#